data_4M5N
#
_entry.id   4M5N
#
_cell.length_a   107.305
_cell.length_b   107.305
_cell.length_c   41.795
_cell.angle_alpha   90.00
_cell.angle_beta   90.00
_cell.angle_gamma   120.00
#
_symmetry.space_group_name_H-M   'P 31'
#
loop_
_entity.id
_entity.type
_entity.pdbx_description
1 polymer '2-amino-4-hydroxy-6-hydroxymethyldihydropteridine pyrophosphokinase'
2 non-polymer 'MAGNESIUM ION'
3 non-polymer 'DIPHOSPHOMETHYLPHOSPHONIC ACID ADENOSYL ESTER'
4 non-polymer 6-amino-1,9-dihydro-2H-purine-2-thione
5 water water
#
_entity_poly.entity_id   1
_entity_poly.type   'polypeptide(L)'
_entity_poly.pdbx_seq_one_letter_code
;GSHMTVAYIAIGSNLASPLEQVNAALKALGDIPESHILTVSSFYRTPPLGPQDQPDYLNAAVALETSLAPEELLNHTQRI
ELQQGRVRKAERWGPRTLDLDIMLFGNEVINTERLTVPHYDMKNRGFMLWPLFEIAPELVFPDGEMLRQILHTRAFDKLN
KW
;
_entity_poly.pdbx_strand_id   A,B
#
loop_
_chem_comp.id
_chem_comp.type
_chem_comp.name
_chem_comp.formula
APC non-polymer 'DIPHOSPHOMETHYLPHOSPHONIC ACID ADENOSYL ESTER' 'C11 H18 N5 O12 P3'
MG non-polymer 'MAGNESIUM ION' 'Mg 2'
YH7 non-polymer 6-amino-1,9-dihydro-2H-purine-2-thione 'C5 H5 N5 S'
#
# COMPACT_ATOMS: atom_id res chain seq x y z
N HIS A 3 -9.05 -18.05 -16.69
CA HIS A 3 -7.71 -17.78 -17.19
C HIS A 3 -7.17 -16.47 -16.62
N MET A 4 -6.32 -16.57 -15.62
CA MET A 4 -5.79 -15.39 -14.94
C MET A 4 -4.60 -14.78 -15.69
N THR A 5 -4.58 -13.46 -15.74
CA THR A 5 -3.56 -12.70 -16.45
C THR A 5 -3.07 -11.63 -15.51
N VAL A 6 -1.80 -11.24 -15.62
CA VAL A 6 -1.34 -10.10 -14.83
C VAL A 6 -1.39 -8.86 -15.70
N ALA A 7 -2.17 -7.87 -15.28
CA ALA A 7 -2.23 -6.60 -15.98
C ALA A 7 -1.45 -5.61 -15.14
N TYR A 8 -0.65 -4.78 -15.81
CA TYR A 8 0.09 -3.73 -15.14
C TYR A 8 -0.55 -2.40 -15.47
N ILE A 9 -0.91 -1.64 -14.43
CA ILE A 9 -1.69 -0.44 -14.62
C ILE A 9 -0.86 0.74 -14.13
N ALA A 10 -0.81 1.81 -14.92
CA ALA A 10 -0.11 3.02 -14.50
C ALA A 10 -1.09 3.97 -13.83
N ILE A 11 -0.66 4.62 -12.76
CA ILE A 11 -1.50 5.58 -12.05
C ILE A 11 -0.84 6.95 -12.08
N GLY A 12 -1.61 7.96 -12.46
CA GLY A 12 -1.14 9.33 -12.43
C GLY A 12 -2.21 10.24 -11.82
N SER A 13 -1.78 11.18 -10.99
CA SER A 13 -2.71 12.14 -10.39
C SER A 13 -1.97 13.42 -10.03
N ASN A 14 -2.54 14.58 -10.37
CA ASN A 14 -1.95 15.82 -9.87
C ASN A 14 -2.94 16.88 -9.42
N LEU A 15 -4.21 16.48 -9.23
CA LEU A 15 -5.24 17.41 -8.75
C LEU A 15 -5.95 16.88 -7.52
N ALA A 16 -6.40 17.80 -6.67
CA ALA A 16 -7.27 17.49 -5.54
C ALA A 16 -6.69 16.44 -4.60
N SER A 17 -5.49 16.72 -4.08
CA SER A 17 -4.75 15.83 -3.16
C SER A 17 -4.46 14.46 -3.77
N PRO A 18 -3.42 14.39 -4.62
CA PRO A 18 -3.08 13.14 -5.31
C PRO A 18 -2.90 11.94 -4.38
N LEU A 19 -2.38 12.13 -3.17
CA LEU A 19 -2.24 10.98 -2.26
C LEU A 19 -3.60 10.35 -1.93
N GLU A 20 -4.60 11.17 -1.67
CA GLU A 20 -5.96 10.66 -1.44
C GLU A 20 -6.54 10.04 -2.71
N GLN A 21 -6.29 10.67 -3.84
CA GLN A 21 -6.82 10.17 -5.12
C GLN A 21 -6.30 8.76 -5.39
N VAL A 22 -5.01 8.58 -5.17
CA VAL A 22 -4.37 7.31 -5.47
C VAL A 22 -4.79 6.23 -4.48
N ASN A 23 -4.91 6.60 -3.20
CA ASN A 23 -5.39 5.66 -2.21
C ASN A 23 -6.81 5.21 -2.55
N ALA A 24 -7.64 6.16 -2.98
CA ALA A 24 -8.99 5.79 -3.37
C ALA A 24 -8.97 4.88 -4.62
N ALA A 25 -8.06 5.16 -5.55
CA ALA A 25 -7.98 4.36 -6.77
C ALA A 25 -7.53 2.94 -6.47
N LEU A 26 -6.63 2.80 -5.50
CA LEU A 26 -6.11 1.50 -5.16
C LEU A 26 -7.19 0.64 -4.51
N LYS A 27 -8.00 1.23 -3.64
CA LYS A 27 -9.10 0.50 -3.01
C LYS A 27 -10.08 0.04 -4.07
N ALA A 28 -10.39 0.93 -5.01
CA ALA A 28 -11.38 0.62 -6.05
C ALA A 28 -10.86 -0.43 -7.03
N LEU A 29 -9.57 -0.38 -7.32
CA LEU A 29 -8.94 -1.37 -8.20
C LEU A 29 -9.07 -2.77 -7.62
N GLY A 30 -8.92 -2.89 -6.29
CA GLY A 30 -9.10 -4.16 -5.61
C GLY A 30 -10.54 -4.65 -5.60
N ASP A 31 -11.48 -3.72 -5.76
CA ASP A 31 -12.89 -4.07 -5.81
C ASP A 31 -13.35 -4.50 -7.20
N ILE A 32 -12.45 -4.47 -8.18
CA ILE A 32 -12.82 -4.96 -9.51
C ILE A 32 -13.07 -6.48 -9.43
N PRO A 33 -14.19 -6.96 -9.98
CA PRO A 33 -14.50 -8.40 -9.84
C PRO A 33 -13.49 -9.28 -10.58
N GLU A 34 -13.34 -10.54 -10.17
CA GLU A 34 -12.41 -11.48 -10.80
C GLU A 34 -10.97 -10.97 -10.83
N SER A 35 -10.64 -10.11 -9.88
CA SER A 35 -9.37 -9.39 -9.93
C SER A 35 -8.87 -9.08 -8.54
N HIS A 36 -7.56 -9.06 -8.36
CA HIS A 36 -6.99 -8.56 -7.12
C HIS A 36 -5.57 -8.05 -7.33
N ILE A 37 -5.15 -7.13 -6.47
CA ILE A 37 -3.83 -6.52 -6.57
C ILE A 37 -2.73 -7.44 -6.03
N LEU A 38 -1.71 -7.68 -6.85
CA LEU A 38 -0.58 -8.51 -6.43
C LEU A 38 0.45 -7.66 -5.70
N THR A 39 0.70 -6.47 -6.21
CA THR A 39 1.65 -5.57 -5.57
C THR A 39 1.49 -4.16 -6.15
N VAL A 40 2.19 -3.20 -5.56
CA VAL A 40 2.11 -1.82 -6.04
C VAL A 40 3.45 -1.17 -5.75
N SER A 41 3.85 -0.25 -6.60
CA SER A 41 5.13 0.41 -6.41
C SER A 41 5.01 1.43 -5.30
N SER A 42 6.14 2.06 -4.97
CA SER A 42 6.13 3.24 -4.12
C SER A 42 5.38 4.37 -4.82
N PHE A 43 5.05 5.42 -4.07
CA PHE A 43 4.52 6.62 -4.70
C PHE A 43 5.67 7.55 -5.07
N TYR A 44 5.66 8.04 -6.32
CA TYR A 44 6.72 8.92 -6.82
C TYR A 44 6.18 10.33 -7.12
N ARG A 45 6.97 11.36 -6.89
CA ARG A 45 6.57 12.72 -7.23
C ARG A 45 7.35 13.15 -8.47
N THR A 46 6.64 13.49 -9.55
CA THR A 46 7.33 13.75 -10.80
C THR A 46 6.92 15.11 -11.35
N PRO A 47 7.88 15.85 -11.93
CA PRO A 47 7.48 17.11 -12.54
C PRO A 47 6.63 16.81 -13.78
N PRO A 48 5.73 17.72 -14.14
CA PRO A 48 4.80 17.42 -15.24
C PRO A 48 5.48 17.29 -16.60
N LEU A 49 5.11 16.22 -17.31
CA LEU A 49 5.40 16.15 -18.75
C LEU A 49 4.21 16.78 -19.47
N GLY A 50 4.42 17.96 -20.04
CA GLY A 50 3.32 18.71 -20.63
C GLY A 50 3.42 20.18 -20.24
N PRO A 51 2.28 20.88 -20.23
CA PRO A 51 2.25 22.28 -19.78
C PRO A 51 2.85 22.37 -18.38
N GLN A 52 3.73 23.35 -18.17
CA GLN A 52 4.47 23.46 -16.92
C GLN A 52 3.70 24.15 -15.80
N ASP A 53 2.57 24.78 -16.14
CA ASP A 53 1.74 25.44 -15.15
C ASP A 53 0.70 24.51 -14.56
N GLN A 54 1.13 23.32 -14.16
CA GLN A 54 0.26 22.39 -13.45
C GLN A 54 1.07 21.76 -12.32
N PRO A 55 0.39 21.19 -11.30
CA PRO A 55 1.13 20.64 -10.16
C PRO A 55 1.95 19.41 -10.52
N ASP A 56 2.92 19.06 -9.67
CA ASP A 56 3.67 17.81 -9.82
C ASP A 56 2.73 16.61 -9.68
N TYR A 57 3.08 15.52 -10.34
CA TYR A 57 2.28 14.31 -10.33
C TYR A 57 2.71 13.32 -9.26
N LEU A 58 1.73 12.56 -8.78
CA LEU A 58 2.01 11.34 -8.08
C LEU A 58 1.84 10.26 -9.14
N ASN A 59 2.90 9.48 -9.38
CA ASN A 59 2.80 8.37 -10.31
C ASN A 59 3.11 7.07 -9.57
N ALA A 60 2.44 5.98 -9.96
CA ALA A 60 2.67 4.68 -9.37
C ALA A 60 2.35 3.59 -10.40
N ALA A 61 2.75 2.36 -10.11
CA ALA A 61 2.38 1.21 -10.94
C ALA A 61 1.76 0.11 -10.08
N VAL A 62 0.79 -0.60 -10.64
CA VAL A 62 0.11 -1.67 -9.91
C VAL A 62 0.08 -2.95 -10.73
N ALA A 63 0.33 -4.09 -10.10
CA ALA A 63 0.15 -5.37 -10.75
C ALA A 63 -1.20 -5.92 -10.32
N LEU A 64 -2.11 -6.11 -11.28
CA LEU A 64 -3.46 -6.57 -11.01
C LEU A 64 -3.64 -7.94 -11.65
N GLU A 65 -3.81 -8.96 -10.83
CA GLU A 65 -4.14 -10.28 -11.36
C GLU A 65 -5.62 -10.28 -11.67
N THR A 66 -5.99 -10.74 -12.88
CA THR A 66 -7.38 -10.67 -13.31
C THR A 66 -7.75 -11.77 -14.30
N SER A 67 -9.01 -12.18 -14.28
CA SER A 67 -9.50 -13.09 -15.31
C SER A 67 -10.49 -12.41 -16.27
N LEU A 68 -10.64 -11.09 -16.14
CA LEU A 68 -11.48 -10.31 -17.05
C LEU A 68 -10.82 -10.17 -18.42
N ALA A 69 -11.65 -9.97 -19.45
CA ALA A 69 -11.16 -9.57 -20.77
C ALA A 69 -10.60 -8.16 -20.69
N PRO A 70 -9.69 -7.79 -21.60
CA PRO A 70 -9.05 -6.47 -21.54
C PRO A 70 -10.03 -5.28 -21.54
N GLU A 71 -11.02 -5.29 -22.43
CA GLU A 71 -11.93 -4.15 -22.50
C GLU A 71 -12.94 -4.15 -21.35
N GLU A 72 -13.20 -5.33 -20.79
CA GLU A 72 -14.00 -5.43 -19.58
C GLU A 72 -13.24 -4.76 -18.43
N LEU A 73 -11.94 -5.04 -18.32
CA LEU A 73 -11.11 -4.36 -17.34
C LEU A 73 -11.12 -2.83 -17.58
N LEU A 74 -11.00 -2.43 -18.83
CA LEU A 74 -11.04 -1.00 -19.17
C LEU A 74 -12.36 -0.35 -18.72
N ASN A 75 -13.46 -1.08 -18.81
CA ASN A 75 -14.74 -0.53 -18.37
C ASN A 75 -14.69 -0.20 -16.88
N HIS A 76 -14.02 -1.06 -16.13
CA HIS A 76 -13.88 -0.83 -14.70
C HIS A 76 -12.89 0.27 -14.35
N THR A 77 -11.76 0.33 -15.05
CA THR A 77 -10.78 1.37 -14.72
C THR A 77 -11.32 2.74 -15.08
N GLN A 78 -12.09 2.83 -16.17
CA GLN A 78 -12.71 4.11 -16.51
C GLN A 78 -13.79 4.52 -15.51
N ARG A 79 -14.49 3.55 -14.91
CA ARG A 79 -15.44 3.90 -13.85
C ARG A 79 -14.68 4.55 -12.69
N ILE A 80 -13.55 3.94 -12.34
CA ILE A 80 -12.76 4.45 -11.24
C ILE A 80 -12.29 5.88 -11.52
N GLU A 81 -11.86 6.16 -12.74
CA GLU A 81 -11.47 7.53 -13.08
C GLU A 81 -12.63 8.50 -12.86
N LEU A 82 -13.82 8.11 -13.31
CA LEU A 82 -14.98 8.96 -13.13
C LEU A 82 -15.38 9.10 -11.68
N GLN A 83 -15.21 8.04 -10.89
CA GLN A 83 -15.50 8.11 -9.47
C GLN A 83 -14.70 9.22 -8.81
N GLN A 84 -13.47 9.41 -9.32
CA GLN A 84 -12.59 10.42 -8.78
C GLN A 84 -12.71 11.74 -9.53
N GLY A 85 -13.79 11.88 -10.27
CA GLY A 85 -14.09 13.16 -10.91
C GLY A 85 -13.24 13.49 -12.12
N ARG A 86 -12.63 12.49 -12.74
CA ARG A 86 -11.81 12.76 -13.94
C ARG A 86 -12.67 13.39 -15.04
N VAL A 87 -12.27 14.55 -15.53
CA VAL A 87 -12.99 15.19 -16.62
C VAL A 87 -12.39 14.74 -17.96
N ARG A 88 -13.19 14.09 -18.80
CA ARG A 88 -12.63 13.56 -20.04
C ARG A 88 -12.37 14.69 -21.04
N LYS A 89 -11.17 14.69 -21.59
CA LYS A 89 -10.76 15.73 -22.53
C LYS A 89 -10.03 15.12 -23.73
N ALA A 90 -9.97 15.89 -24.81
CA ALA A 90 -9.25 15.48 -26.02
C ALA A 90 -7.74 15.61 -25.88
N GLU A 91 -7.28 16.72 -25.31
CA GLU A 91 -5.83 16.90 -25.07
C GLU A 91 -5.41 16.09 -23.84
N ARG A 92 -4.19 15.55 -23.84
CA ARG A 92 -3.86 14.51 -22.86
C ARG A 92 -2.67 14.73 -21.93
N TRP A 93 -2.14 15.95 -21.94
CA TRP A 93 -0.95 16.30 -21.19
C TRP A 93 -1.28 17.25 -20.04
N GLY A 94 -2.53 17.66 -19.97
CA GLY A 94 -3.00 18.53 -18.90
C GLY A 94 -3.32 17.81 -17.60
N PRO A 95 -3.66 18.57 -16.55
CA PRO A 95 -3.84 17.96 -15.23
C PRO A 95 -5.10 17.09 -15.11
N ARG A 96 -5.11 16.18 -14.15
CA ARG A 96 -6.28 15.34 -13.91
C ARG A 96 -6.26 14.80 -12.48
N THR A 97 -7.43 14.48 -11.95
CA THR A 97 -7.50 13.89 -10.63
C THR A 97 -6.93 12.48 -10.63
N LEU A 98 -7.18 11.75 -11.72
CA LEU A 98 -6.76 10.35 -11.77
C LEU A 98 -6.67 9.84 -13.21
N ASP A 99 -5.55 9.23 -13.55
CA ASP A 99 -5.40 8.56 -14.84
C ASP A 99 -5.03 7.12 -14.56
N LEU A 100 -5.81 6.20 -15.09
CA LEU A 100 -5.51 4.78 -15.00
C LEU A 100 -5.32 4.24 -16.41
N ASP A 101 -4.08 3.87 -16.75
CA ASP A 101 -3.77 3.34 -18.08
C ASP A 101 -3.32 1.89 -17.97
N ILE A 102 -3.83 1.04 -18.85
CA ILE A 102 -3.33 -0.33 -18.90
C ILE A 102 -2.00 -0.37 -19.67
N MET A 103 -0.89 -0.54 -18.95
CA MET A 103 0.42 -0.55 -19.61
C MET A 103 0.63 -1.85 -20.37
N LEU A 104 0.34 -2.96 -19.70
CA LEU A 104 0.57 -4.28 -20.26
C LEU A 104 -0.58 -5.18 -19.80
N PHE A 105 -0.97 -6.14 -20.64
CA PHE A 105 -2.02 -7.09 -20.28
C PHE A 105 -1.45 -8.45 -20.63
N GLY A 106 -0.88 -9.12 -19.63
CA GLY A 106 -0.14 -10.35 -19.87
C GLY A 106 0.90 -10.08 -20.92
N ASN A 107 1.03 -10.98 -21.89
CA ASN A 107 1.97 -10.79 -22.97
C ASN A 107 1.24 -10.37 -24.24
N GLU A 108 0.03 -9.86 -24.08
CA GLU A 108 -0.82 -9.56 -25.23
C GLU A 108 -0.47 -8.25 -25.95
N VAL A 109 -0.62 -8.27 -27.27
CA VAL A 109 -0.56 -7.04 -28.06
C VAL A 109 -1.98 -6.74 -28.52
N ILE A 110 -2.48 -5.56 -28.16
CA ILE A 110 -3.86 -5.22 -28.44
C ILE A 110 -3.95 -3.93 -29.23
N ASN A 111 -4.67 -3.96 -30.35
CA ASN A 111 -4.89 -2.77 -31.15
C ASN A 111 -6.34 -2.67 -31.58
N THR A 112 -7.20 -2.16 -30.68
CA THR A 112 -8.60 -1.94 -31.01
C THR A 112 -8.92 -0.46 -31.00
N GLU A 113 -10.19 -0.13 -31.20
CA GLU A 113 -10.65 1.24 -31.17
C GLU A 113 -10.48 1.84 -29.77
N ARG A 114 -10.65 1.00 -28.76
CA ARG A 114 -10.61 1.51 -27.39
C ARG A 114 -9.28 1.28 -26.70
N LEU A 115 -8.49 0.33 -27.22
CA LEU A 115 -7.32 -0.14 -26.50
C LEU A 115 -6.06 -0.29 -27.37
N THR A 116 -4.97 0.30 -26.90
CA THR A 116 -3.64 0.04 -27.46
C THR A 116 -2.76 -0.43 -26.31
N VAL A 117 -2.36 -1.70 -26.40
CA VAL A 117 -1.55 -2.35 -25.37
C VAL A 117 -0.45 -3.13 -26.07
N PRO A 118 0.82 -2.96 -25.64
CA PRO A 118 1.35 -2.07 -24.61
C PRO A 118 1.00 -0.60 -24.85
N HIS A 119 0.88 0.17 -23.77
CA HIS A 119 0.62 1.60 -23.85
C HIS A 119 1.60 2.21 -24.85
N TYR A 120 1.08 3.02 -25.77
CA TYR A 120 1.85 3.45 -26.94
C TYR A 120 3.12 4.22 -26.63
N ASP A 121 3.18 4.85 -25.45
CA ASP A 121 4.27 5.79 -25.16
C ASP A 121 5.06 5.42 -23.91
N MET A 122 4.72 4.29 -23.28
CA MET A 122 5.32 3.95 -22.00
C MET A 122 6.84 3.82 -22.03
N LYS A 123 7.40 3.32 -23.13
CA LYS A 123 8.84 3.17 -23.22
C LYS A 123 9.60 4.51 -23.32
N ASN A 124 8.85 5.62 -23.33
CA ASN A 124 9.48 6.94 -23.43
C ASN A 124 9.19 7.77 -22.18
N ARG A 125 8.62 7.12 -21.17
CA ARG A 125 8.23 7.82 -19.94
C ARG A 125 8.84 7.21 -18.70
N GLY A 126 9.82 7.91 -18.12
CA GLY A 126 10.44 7.45 -16.89
C GLY A 126 9.42 7.24 -15.79
N PHE A 127 8.39 8.08 -15.75
CA PHE A 127 7.42 7.99 -14.66
C PHE A 127 6.47 6.80 -14.79
N MET A 128 6.52 6.11 -15.93
CA MET A 128 5.83 4.84 -16.06
C MET A 128 6.80 3.67 -15.85
N LEU A 129 7.99 3.75 -16.46
CA LEU A 129 8.97 2.66 -16.39
C LEU A 129 9.57 2.43 -15.01
N TRP A 130 9.96 3.49 -14.30
CA TRP A 130 10.58 3.31 -12.99
C TRP A 130 9.66 2.62 -11.95
N PRO A 131 8.41 3.08 -11.81
CA PRO A 131 7.52 2.36 -10.88
C PRO A 131 7.28 0.92 -11.34
N LEU A 132 7.15 0.69 -12.64
CA LEU A 132 7.00 -0.68 -13.13
C LEU A 132 8.21 -1.53 -12.78
N PHE A 133 9.40 -0.96 -12.93
CA PHE A 133 10.63 -1.67 -12.63
C PHE A 133 10.70 -2.04 -11.16
N GLU A 134 10.15 -1.18 -10.30
CA GLU A 134 10.13 -1.47 -8.88
C GLU A 134 9.36 -2.76 -8.56
N ILE A 135 8.26 -2.99 -9.27
CA ILE A 135 7.42 -4.16 -8.97
C ILE A 135 7.66 -5.33 -9.91
N ALA A 136 8.34 -5.08 -11.02
CA ALA A 136 8.64 -6.16 -11.97
C ALA A 136 10.02 -6.00 -12.62
N PRO A 137 11.09 -6.14 -11.83
CA PRO A 137 12.43 -5.87 -12.38
C PRO A 137 12.82 -6.78 -13.54
N GLU A 138 12.26 -8.01 -13.60
CA GLU A 138 12.60 -8.96 -14.65
C GLU A 138 11.63 -8.91 -15.83
N LEU A 139 10.79 -7.88 -15.86
CA LEU A 139 9.76 -7.78 -16.90
C LEU A 139 10.32 -7.79 -18.32
N VAL A 140 9.66 -8.51 -19.21
CA VAL A 140 9.99 -8.54 -20.62
C VAL A 140 8.76 -8.13 -21.41
N PHE A 141 8.91 -7.16 -22.30
CA PHE A 141 7.80 -6.70 -23.13
C PHE A 141 7.43 -7.74 -24.19
N PRO A 142 6.21 -7.66 -24.74
CA PRO A 142 5.79 -8.58 -25.81
C PRO A 142 6.77 -8.62 -26.99
N ASP A 143 7.41 -7.49 -27.32
CA ASP A 143 8.43 -7.49 -28.39
C ASP A 143 9.76 -8.11 -27.94
N GLY A 144 9.88 -8.43 -26.66
CA GLY A 144 11.06 -9.12 -26.16
C GLY A 144 12.12 -8.27 -25.47
N GLU A 145 11.98 -6.94 -25.52
CA GLU A 145 12.91 -6.06 -24.82
C GLU A 145 12.77 -6.25 -23.31
N MET A 146 13.87 -6.15 -22.57
CA MET A 146 13.76 -6.20 -21.11
C MET A 146 13.63 -4.80 -20.52
N LEU A 147 12.73 -4.66 -19.55
CA LEU A 147 12.55 -3.39 -18.86
C LEU A 147 13.86 -2.87 -18.27
N ARG A 148 14.59 -3.74 -17.59
CA ARG A 148 15.84 -3.33 -16.98
CA ARG A 148 15.86 -3.37 -16.99
C ARG A 148 16.85 -2.84 -18.02
N GLN A 149 16.90 -3.52 -19.17
CA GLN A 149 17.85 -3.12 -20.20
C GLN A 149 17.48 -1.74 -20.74
N ILE A 150 16.18 -1.52 -20.99
CA ILE A 150 15.70 -0.22 -21.45
C ILE A 150 16.14 0.89 -20.49
N LEU A 151 15.85 0.70 -19.21
CA LEU A 151 16.16 1.71 -18.20
C LEU A 151 17.65 2.05 -18.12
N HIS A 152 18.48 1.03 -17.91
CA HIS A 152 19.91 1.24 -17.69
C HIS A 152 20.64 1.63 -18.98
N THR A 153 19.92 1.63 -20.10
CA THR A 153 20.47 1.97 -21.40
C THR A 153 20.19 3.41 -21.78
N ARG A 154 18.94 3.83 -21.60
CA ARG A 154 18.53 5.18 -21.95
C ARG A 154 18.65 6.13 -20.77
N ALA A 155 18.66 7.42 -21.06
CA ALA A 155 18.90 8.44 -20.03
C ALA A 155 17.63 8.77 -19.24
N PHE A 156 17.08 7.77 -18.55
CA PHE A 156 15.95 8.04 -17.68
C PHE A 156 16.42 8.45 -16.30
N ASP A 157 16.27 9.73 -15.99
CA ASP A 157 16.57 10.25 -14.67
C ASP A 157 15.76 9.46 -13.66
N LYS A 158 16.35 9.16 -12.51
CA LYS A 158 15.60 8.46 -11.48
C LYS A 158 14.57 9.39 -10.85
N LEU A 159 13.54 8.79 -10.27
CA LEU A 159 12.42 9.55 -9.75
C LEU A 159 12.61 9.79 -8.25
N ASN A 160 12.05 10.88 -7.75
CA ASN A 160 11.99 11.11 -6.32
C ASN A 160 10.72 10.51 -5.76
N LYS A 161 10.79 9.99 -4.54
CA LYS A 161 9.58 9.47 -3.92
C LYS A 161 8.69 10.59 -3.40
N TRP A 162 7.40 10.29 -3.32
CA TRP A 162 6.38 11.28 -2.93
C TRP A 162 6.60 11.73 -1.50
N HIS B 3 4.66 19.22 13.43
CA HIS B 3 4.88 18.68 14.76
C HIS B 3 5.04 17.16 14.70
N MET B 4 6.10 16.65 15.32
CA MET B 4 6.37 15.22 15.34
C MET B 4 5.53 14.52 16.41
N THR B 5 5.03 13.34 16.06
CA THR B 5 4.16 12.55 16.91
C THR B 5 4.68 11.12 16.84
N VAL B 6 4.52 10.35 17.91
CA VAL B 6 4.88 8.94 17.83
C VAL B 6 3.63 8.11 17.56
N ALA B 7 3.62 7.42 16.42
CA ALA B 7 2.54 6.50 16.10
C ALA B 7 3.02 5.09 16.43
N TYR B 8 2.16 4.29 17.03
CA TYR B 8 2.49 2.89 17.30
C TYR B 8 1.67 2.02 16.37
N ILE B 9 2.36 1.17 15.62
CA ILE B 9 1.70 0.43 14.56
C ILE B 9 1.80 -1.07 14.87
N ALA B 10 0.68 -1.78 14.76
CA ALA B 10 0.70 -3.22 14.97
C ALA B 10 0.93 -3.91 13.63
N ILE B 11 1.73 -4.98 13.63
CA ILE B 11 2.00 -5.75 12.42
C ILE B 11 1.52 -7.19 12.61
N GLY B 12 0.74 -7.67 11.64
CA GLY B 12 0.33 -9.07 11.64
C GLY B 12 0.52 -9.68 10.25
N SER B 13 1.00 -10.92 10.21
CA SER B 13 1.17 -11.65 8.97
C SER B 13 1.10 -13.15 9.21
N ASN B 14 0.32 -13.88 8.42
CA ASN B 14 0.39 -15.34 8.50
C ASN B 14 0.39 -16.06 7.15
N LEU B 15 0.61 -15.31 6.07
CA LEU B 15 0.67 -15.91 4.73
C LEU B 15 1.97 -15.58 4.01
N ALA B 16 2.40 -16.49 3.14
CA ALA B 16 3.49 -16.24 2.20
C ALA B 16 4.78 -15.81 2.88
N SER B 17 5.26 -16.63 3.82
CA SER B 17 6.49 -16.38 4.58
C SER B 17 6.43 -15.10 5.42
N PRO B 18 5.72 -15.16 6.55
CA PRO B 18 5.56 -13.97 7.41
C PRO B 18 6.87 -13.24 7.77
N LEU B 19 7.98 -13.94 7.98
CA LEU B 19 9.23 -13.25 8.32
C LEU B 19 9.64 -12.30 7.18
N GLU B 20 9.50 -12.79 5.96
CA GLU B 20 9.80 -12.01 4.77
C GLU B 20 8.81 -10.85 4.62
N GLN B 21 7.53 -11.12 4.87
CA GLN B 21 6.49 -10.09 4.76
C GLN B 21 6.77 -8.95 5.73
N VAL B 22 7.11 -9.31 6.95
CA VAL B 22 7.33 -8.30 7.99
C VAL B 22 8.61 -7.52 7.74
N ASN B 23 9.64 -8.20 7.28
CA ASN B 23 10.87 -7.49 6.93
C ASN B 23 10.61 -6.48 5.83
N ALA B 24 9.79 -6.86 4.85
CA ALA B 24 9.48 -5.93 3.77
C ALA B 24 8.66 -4.75 4.31
N ALA B 25 7.73 -5.03 5.21
CA ALA B 25 6.88 -4.00 5.79
C ALA B 25 7.70 -2.96 6.55
N LEU B 26 8.67 -3.45 7.31
CA LEU B 26 9.52 -2.59 8.11
C LEU B 26 10.37 -1.67 7.24
N LYS B 27 10.92 -2.22 6.15
CA LYS B 27 11.67 -1.40 5.21
C LYS B 27 10.76 -0.31 4.64
N ALA B 28 9.54 -0.70 4.26
CA ALA B 28 8.63 0.22 3.61
C ALA B 28 8.13 1.27 4.59
N LEU B 29 7.92 0.87 5.84
CA LEU B 29 7.50 1.81 6.88
C LEU B 29 8.53 2.91 7.07
N GLY B 30 9.81 2.55 7.03
CA GLY B 30 10.89 3.52 7.12
C GLY B 30 10.95 4.48 5.94
N ASP B 31 10.43 4.03 4.79
CA ASP B 31 10.42 4.86 3.59
C ASP B 31 9.24 5.85 3.55
N ILE B 32 8.36 5.80 4.53
CA ILE B 32 7.26 6.78 4.58
C ILE B 32 7.87 8.17 4.80
N PRO B 33 7.45 9.17 4.01
CA PRO B 33 8.05 10.52 4.14
C PRO B 33 7.73 11.16 5.50
N GLU B 34 8.59 12.09 5.94
CA GLU B 34 8.40 12.79 7.23
C GLU B 34 8.28 11.84 8.42
N SER B 35 8.89 10.66 8.31
CA SER B 35 8.66 9.61 9.28
C SER B 35 9.89 8.72 9.39
N HIS B 36 10.17 8.23 10.59
CA HIS B 36 11.15 7.16 10.71
C HIS B 36 10.86 6.29 11.93
N ILE B 37 11.36 5.06 11.88
CA ILE B 37 11.17 4.10 12.96
C ILE B 37 12.08 4.39 14.15
N LEU B 38 11.47 4.51 15.33
CA LEU B 38 12.24 4.71 16.56
C LEU B 38 12.68 3.36 17.12
N THR B 39 11.78 2.39 17.11
CA THR B 39 12.13 1.05 17.60
C THR B 39 11.08 0.04 17.14
N VAL B 40 11.33 -1.23 17.39
CA VAL B 40 10.41 -2.27 16.96
C VAL B 40 10.57 -3.42 17.95
N SER B 41 9.49 -4.14 18.21
CA SER B 41 9.53 -5.24 19.17
C SER B 41 10.21 -6.44 18.54
N SER B 42 10.40 -7.48 19.34
CA SER B 42 10.77 -8.79 18.80
C SER B 42 9.66 -9.29 17.88
N PHE B 43 9.95 -10.34 17.12
CA PHE B 43 8.89 -11.00 16.37
C PHE B 43 8.29 -12.12 17.22
N TYR B 44 6.96 -12.16 17.29
CA TYR B 44 6.26 -13.16 18.12
C TYR B 44 5.46 -14.12 17.26
N ARG B 45 5.40 -15.39 17.65
CA ARG B 45 4.59 -16.36 16.92
C ARG B 45 3.32 -16.62 17.71
N THR B 46 2.14 -16.33 17.14
CA THR B 46 0.92 -16.46 17.92
C THR B 46 -0.10 -17.35 17.22
N PRO B 47 -0.84 -18.16 17.99
CA PRO B 47 -1.92 -18.94 17.37
C PRO B 47 -3.01 -17.99 16.87
N PRO B 48 -3.75 -18.39 15.82
CA PRO B 48 -4.70 -17.44 15.24
C PRO B 48 -5.87 -17.15 16.18
N LEU B 49 -6.22 -15.87 16.28
CA LEU B 49 -7.50 -15.47 16.86
C LEU B 49 -8.49 -15.39 15.70
N GLY B 50 -9.43 -16.35 15.65
CA GLY B 50 -10.32 -16.46 14.51
C GLY B 50 -10.42 -17.90 14.06
N PRO B 51 -10.77 -18.13 12.78
CA PRO B 51 -10.83 -19.49 12.25
C PRO B 51 -9.51 -20.21 12.51
N GLN B 52 -9.59 -21.46 12.96
CA GLN B 52 -8.40 -22.18 13.42
C GLN B 52 -7.64 -22.89 12.30
N ASP B 53 -8.22 -22.93 11.10
CA ASP B 53 -7.58 -23.55 9.95
C ASP B 53 -6.78 -22.52 9.14
N GLN B 54 -5.96 -21.74 9.84
CA GLN B 54 -5.05 -20.82 9.17
C GLN B 54 -3.71 -20.88 9.92
N PRO B 55 -2.62 -20.45 9.27
CA PRO B 55 -1.32 -20.56 9.91
C PRO B 55 -1.18 -19.66 11.14
N ASP B 56 -0.20 -19.95 11.99
CA ASP B 56 0.12 -19.08 13.13
C ASP B 56 0.61 -17.74 12.59
N TYR B 57 0.41 -16.68 13.38
CA TYR B 57 0.80 -15.34 12.98
C TYR B 57 2.18 -14.94 13.45
N LEU B 58 2.82 -14.05 12.70
CA LEU B 58 3.93 -13.29 13.21
C LEU B 58 3.33 -11.95 13.59
N ASN B 59 3.43 -11.58 14.85
CA ASN B 59 2.96 -10.27 15.30
C ASN B 59 4.13 -9.45 15.84
N ALA B 60 4.08 -8.15 15.59
CA ALA B 60 5.10 -7.23 16.11
C ALA B 60 4.49 -5.86 16.34
N ALA B 61 5.22 -4.99 17.03
CA ALA B 61 4.81 -3.59 17.19
C ALA B 61 5.97 -2.68 16.78
N VAL B 62 5.65 -1.53 16.21
CA VAL B 62 6.68 -0.59 15.78
CA VAL B 62 6.66 -0.57 15.73
C VAL B 62 6.33 0.82 16.23
N ALA B 63 7.34 1.55 16.70
CA ALA B 63 7.14 2.94 17.07
C ALA B 63 7.62 3.80 15.90
N LEU B 64 6.70 4.55 15.29
CA LEU B 64 7.04 5.37 14.13
C LEU B 64 6.91 6.84 14.48
N GLU B 65 8.02 7.56 14.46
CA GLU B 65 7.95 9.00 14.68
C GLU B 65 7.57 9.64 13.36
N THR B 66 6.57 10.52 13.39
CA THR B 66 6.05 11.08 12.14
C THR B 66 5.49 12.49 12.31
N SER B 67 5.58 13.29 11.25
CA SER B 67 4.92 14.59 11.23
C SER B 67 3.72 14.62 10.28
N LEU B 68 3.39 13.47 9.69
CA LEU B 68 2.21 13.33 8.85
C LEU B 68 0.94 13.42 9.68
N ALA B 69 -0.16 13.84 9.06
CA ALA B 69 -1.50 13.73 9.64
C ALA B 69 -1.89 12.25 9.68
N PRO B 70 -2.81 11.88 10.59
CA PRO B 70 -3.15 10.46 10.77
C PRO B 70 -3.66 9.76 9.52
N GLU B 71 -4.54 10.40 8.75
CA GLU B 71 -5.10 9.72 7.58
C GLU B 71 -4.09 9.70 6.42
N GLU B 72 -3.19 10.66 6.40
CA GLU B 72 -2.07 10.64 5.47
C GLU B 72 -1.16 9.46 5.78
N LEU B 73 -0.89 9.24 7.06
CA LEU B 73 -0.15 8.04 7.46
C LEU B 73 -0.90 6.79 7.03
N LEU B 74 -2.21 6.77 7.21
CA LEU B 74 -3.02 5.62 6.82
C LEU B 74 -2.92 5.35 5.32
N ASN B 75 -2.86 6.39 4.51
CA ASN B 75 -2.72 6.21 3.06
C ASN B 75 -1.43 5.46 2.74
N HIS B 76 -0.37 5.75 3.50
CA HIS B 76 0.89 5.05 3.27
C HIS B 76 0.89 3.62 3.80
N THR B 77 0.31 3.39 4.97
CA THR B 77 0.34 2.04 5.53
C THR B 77 -0.51 1.11 4.68
N GLN B 78 -1.59 1.63 4.12
CA GLN B 78 -2.41 0.83 3.23
C GLN B 78 -1.71 0.53 1.90
N ARG B 79 -0.89 1.46 1.40
CA ARG B 79 -0.07 1.15 0.22
C ARG B 79 0.83 -0.04 0.54
N ILE B 80 1.41 -0.03 1.73
CA ILE B 80 2.33 -1.08 2.13
C ILE B 80 1.62 -2.42 2.16
N GLU B 81 0.40 -2.45 2.71
CA GLU B 81 -0.37 -3.70 2.71
C GLU B 81 -0.56 -4.22 1.29
N LEU B 82 -0.94 -3.33 0.39
CA LEU B 82 -1.14 -3.73 -1.01
C LEU B 82 0.16 -4.15 -1.67
N GLN B 83 1.25 -3.49 -1.32
CA GLN B 83 2.55 -3.86 -1.88
C GLN B 83 2.82 -5.33 -1.58
N GLN B 84 2.40 -5.78 -0.41
CA GLN B 84 2.61 -7.17 -0.01
C GLN B 84 1.43 -8.05 -0.38
N GLY B 85 0.58 -7.58 -1.28
CA GLY B 85 -0.46 -8.43 -1.83
C GLY B 85 -1.66 -8.66 -0.93
N ARG B 86 -1.88 -7.78 0.03
CA ARG B 86 -3.04 -7.90 0.92
C ARG B 86 -4.35 -7.84 0.14
N VAL B 87 -5.15 -8.90 0.23
CA VAL B 87 -6.44 -8.89 -0.44
C VAL B 87 -7.47 -8.30 0.51
N ARG B 88 -8.08 -7.18 0.12
CA ARG B 88 -8.99 -6.50 1.04
C ARG B 88 -10.33 -7.26 1.13
N LYS B 89 -10.77 -7.52 2.35
CA LYS B 89 -11.98 -8.30 2.58
C LYS B 89 -12.86 -7.68 3.66
N ALA B 90 -14.13 -8.05 3.66
CA ALA B 90 -15.10 -7.57 4.65
C ALA B 90 -14.92 -8.24 6.02
N GLU B 91 -14.74 -9.56 6.02
CA GLU B 91 -14.48 -10.28 7.27
C GLU B 91 -13.02 -10.13 7.69
N ARG B 92 -12.74 -10.06 8.99
CA ARG B 92 -11.44 -9.54 9.44
C ARG B 92 -10.54 -10.45 10.30
N TRP B 93 -10.93 -11.71 10.43
CA TRP B 93 -10.26 -12.65 11.32
C TRP B 93 -9.55 -13.74 10.52
N GLY B 94 -9.69 -13.69 9.20
CA GLY B 94 -9.03 -14.63 8.31
C GLY B 94 -7.58 -14.25 8.00
N PRO B 95 -6.88 -15.12 7.25
CA PRO B 95 -5.45 -14.93 7.00
C PRO B 95 -5.15 -13.76 6.08
N ARG B 96 -3.92 -13.25 6.15
CA ARG B 96 -3.49 -12.17 5.27
C ARG B 96 -1.97 -12.13 5.19
N THR B 97 -1.44 -11.64 4.08
CA THR B 97 0.00 -11.46 3.97
C THR B 97 0.51 -10.41 4.95
N LEU B 98 -0.25 -9.33 5.13
CA LEU B 98 0.20 -8.23 5.99
C LEU B 98 -0.95 -7.34 6.47
N ASP B 99 -0.98 -7.09 7.78
CA ASP B 99 -1.96 -6.17 8.35
C ASP B 99 -1.16 -5.11 9.08
N LEU B 100 -1.41 -3.85 8.75
CA LEU B 100 -0.77 -2.75 9.46
C LEU B 100 -1.88 -1.90 10.06
N ASP B 101 -1.96 -1.89 11.39
CA ASP B 101 -2.99 -1.14 12.11
C ASP B 101 -2.37 -0.04 12.95
N ILE B 102 -2.92 1.15 12.89
CA ILE B 102 -2.46 2.21 13.77
C ILE B 102 -3.08 2.00 15.17
N MET B 103 -2.27 1.57 16.13
CA MET B 103 -2.79 1.32 17.47
C MET B 103 -3.02 2.62 18.22
N LEU B 104 -2.04 3.51 18.15
CA LEU B 104 -2.10 4.76 18.87
C LEU B 104 -1.44 5.81 17.98
N PHE B 105 -1.93 7.04 18.06
CA PHE B 105 -1.33 8.14 17.31
C PHE B 105 -1.13 9.25 18.32
N GLY B 106 0.09 9.36 18.85
CA GLY B 106 0.35 10.27 19.95
C GLY B 106 -0.64 9.98 21.06
N ASN B 107 -1.22 11.04 21.63
CA ASN B 107 -2.24 10.85 22.66
C ASN B 107 -3.63 11.10 22.09
N GLU B 108 -3.74 11.04 20.76
CA GLU B 108 -4.99 11.44 20.11
C GLU B 108 -6.10 10.39 20.18
N VAL B 109 -7.34 10.88 20.21
CA VAL B 109 -8.50 10.03 20.07
C VAL B 109 -9.15 10.38 18.74
N ILE B 110 -9.19 9.44 17.82
CA ILE B 110 -9.70 9.70 16.48
C ILE B 110 -10.89 8.81 16.19
N ASN B 111 -11.99 9.40 15.73
CA ASN B 111 -13.17 8.66 15.32
C ASN B 111 -13.70 9.19 13.99
N THR B 112 -13.11 8.76 12.88
CA THR B 112 -13.60 9.16 11.56
C THR B 112 -14.10 7.96 10.79
N GLU B 113 -14.55 8.20 9.57
CA GLU B 113 -14.99 7.13 8.69
C GLU B 113 -13.86 6.15 8.43
N ARG B 114 -12.64 6.65 8.32
CA ARG B 114 -11.52 5.78 7.97
C ARG B 114 -10.73 5.29 9.16
N LEU B 115 -10.77 6.02 10.27
CA LEU B 115 -9.93 5.71 11.43
C LEU B 115 -10.64 5.68 12.78
N THR B 116 -10.32 4.65 13.57
CA THR B 116 -10.64 4.63 14.99
C THR B 116 -9.32 4.41 15.72
N VAL B 117 -8.90 5.42 16.48
CA VAL B 117 -7.67 5.36 17.25
C VAL B 117 -8.00 5.89 18.64
N PRO B 118 -7.59 5.16 19.69
CA PRO B 118 -6.89 3.87 19.74
C PRO B 118 -7.64 2.75 19.00
N HIS B 119 -6.88 1.79 18.44
CA HIS B 119 -7.47 0.62 17.80
C HIS B 119 -8.55 0.04 18.70
N TYR B 120 -9.73 -0.18 18.14
CA TYR B 120 -10.93 -0.49 18.93
C TYR B 120 -10.83 -1.74 19.80
N ASP B 121 -9.95 -2.65 19.45
CA ASP B 121 -9.93 -3.95 20.14
C ASP B 121 -8.57 -4.29 20.76
N MET B 122 -7.61 -3.37 20.67
CA MET B 122 -6.24 -3.67 21.08
C MET B 122 -6.12 -4.06 22.55
N LYS B 123 -6.95 -3.47 23.41
CA LYS B 123 -6.89 -3.77 24.83
C LYS B 123 -7.35 -5.20 25.15
N ASN B 124 -7.85 -5.91 24.14
CA ASN B 124 -8.35 -7.28 24.33
C ASN B 124 -7.48 -8.29 23.62
N ARG B 125 -6.34 -7.85 23.11
CA ARG B 125 -5.49 -8.71 22.29
C ARG B 125 -4.07 -8.79 22.81
N GLY B 126 -3.71 -9.94 23.38
CA GLY B 126 -2.37 -10.14 23.88
C GLY B 126 -1.34 -9.94 22.79
N PHE B 127 -1.70 -10.30 21.56
CA PHE B 127 -0.72 -10.22 20.47
C PHE B 127 -0.46 -8.79 20.00
N MET B 128 -1.28 -7.85 20.46
CA MET B 128 -0.99 -6.44 20.23
C MET B 128 -0.32 -5.81 21.47
N LEU B 129 -0.84 -6.10 22.66
CA LEU B 129 -0.33 -5.48 23.89
C LEU B 129 1.09 -5.89 24.27
N TRP B 130 1.38 -7.18 24.20
CA TRP B 130 2.71 -7.66 24.59
C TRP B 130 3.86 -7.04 23.77
N PRO B 131 3.76 -7.06 22.42
CA PRO B 131 4.85 -6.42 21.67
C PRO B 131 4.92 -4.92 21.94
N LEU B 132 3.76 -4.26 22.09
CA LEU B 132 3.75 -2.85 22.45
C LEU B 132 4.47 -2.62 23.79
N PHE B 133 4.21 -3.51 24.74
CA PHE B 133 4.81 -3.40 26.06
C PHE B 133 6.32 -3.52 25.97
N GLU B 134 6.78 -4.30 25.00
CA GLU B 134 8.21 -4.52 24.85
C GLU B 134 8.90 -3.22 24.46
N ILE B 135 8.26 -2.41 23.65
CA ILE B 135 8.89 -1.17 23.17
C ILE B 135 8.43 0.07 23.92
N ALA B 136 7.36 -0.06 24.70
CA ALA B 136 6.86 1.09 25.47
C ALA B 136 6.30 0.67 26.82
N PRO B 137 7.16 0.20 27.72
CA PRO B 137 6.63 -0.36 28.97
C PRO B 137 5.91 0.68 29.84
N GLU B 138 6.22 1.96 29.68
CA GLU B 138 5.61 3.01 30.50
C GLU B 138 4.44 3.67 29.80
N LEU B 139 3.98 3.08 28.71
CA LEU B 139 2.90 3.67 27.92
C LEU B 139 1.63 3.89 28.72
N VAL B 140 0.99 5.04 28.50
CA VAL B 140 -0.30 5.37 29.06
C VAL B 140 -1.24 5.68 27.90
N PHE B 141 -2.43 5.07 27.92
CA PHE B 141 -3.45 5.31 26.89
C PHE B 141 -4.10 6.69 27.07
N PRO B 142 -4.73 7.22 26.00
CA PRO B 142 -5.44 8.50 26.10
C PRO B 142 -6.44 8.55 27.25
N ASP B 143 -7.08 7.43 27.59
CA ASP B 143 -8.01 7.39 28.74
C ASP B 143 -7.30 7.30 30.08
N GLY B 144 -5.97 7.17 30.06
CA GLY B 144 -5.18 7.19 31.28
C GLY B 144 -4.77 5.85 31.88
N GLU B 145 -5.30 4.75 31.33
CA GLU B 145 -4.87 3.42 31.78
C GLU B 145 -3.40 3.18 31.41
N MET B 146 -2.66 2.50 32.27
CA MET B 146 -1.29 2.16 31.91
C MET B 146 -1.24 0.78 31.28
N LEU B 147 -0.44 0.66 30.22
CA LEU B 147 -0.28 -0.61 29.53
C LEU B 147 0.18 -1.72 30.47
N ARG B 148 1.19 -1.44 31.28
CA ARG B 148 1.69 -2.45 32.20
CA ARG B 148 1.71 -2.42 32.23
C ARG B 148 0.62 -2.88 33.20
N GLN B 149 -0.19 -1.93 33.66
CA GLN B 149 -1.23 -2.28 34.62
C GLN B 149 -2.25 -3.19 33.95
N ILE B 150 -2.64 -2.88 32.72
CA ILE B 150 -3.55 -3.72 31.95
C ILE B 150 -3.02 -5.15 31.84
N LEU B 151 -1.77 -5.28 31.39
CA LEU B 151 -1.17 -6.59 31.19
C LEU B 151 -1.11 -7.40 32.49
N HIS B 152 -0.38 -6.89 33.47
CA HIS B 152 -0.12 -7.63 34.71
C HIS B 152 -1.40 -7.85 35.55
N THR B 153 -2.51 -7.28 35.10
CA THR B 153 -3.80 -7.41 35.79
C THR B 153 -4.66 -8.50 35.17
N ARG B 154 -4.73 -8.51 33.85
CA ARG B 154 -5.60 -9.45 33.14
C ARG B 154 -4.88 -10.73 32.76
N ALA B 155 -5.65 -11.72 32.30
CA ALA B 155 -5.11 -13.03 32.00
C ALA B 155 -4.56 -13.10 30.58
N PHE B 156 -3.60 -12.23 30.28
CA PHE B 156 -2.93 -12.30 28.98
C PHE B 156 -1.76 -13.25 29.03
N ASP B 157 -1.95 -14.45 28.47
CA ASP B 157 -0.87 -15.42 28.35
C ASP B 157 0.29 -14.76 27.63
N LYS B 158 1.51 -15.01 28.09
CA LYS B 158 2.69 -14.47 27.43
C LYS B 158 2.86 -15.11 26.06
N LEU B 159 3.59 -14.43 25.18
CA LEU B 159 3.73 -14.90 23.81
C LEU B 159 5.08 -15.59 23.61
N ASN B 160 5.14 -16.50 22.66
CA ASN B 160 6.40 -17.11 22.26
C ASN B 160 7.06 -16.29 21.17
N LYS B 161 8.39 -16.18 21.23
CA LYS B 161 9.15 -15.55 20.17
C LYS B 161 9.04 -16.36 18.88
N TRP B 162 9.16 -15.68 17.75
CA TRP B 162 9.08 -16.31 16.43
C TRP B 162 10.26 -17.27 16.24
MG MG C . -5.45 7.47 -19.57
MG MG D . -2.17 8.27 -19.39
PG APC E . -1.80 9.08 -22.62
O1G APC E . -0.83 9.90 -23.42
O2G APC E . -1.20 8.46 -21.38
O3G APC E . -2.64 8.12 -23.41
PB APC E . -4.17 9.92 -21.27
O1B APC E . -3.94 8.77 -20.37
O2B APC E . -4.54 11.21 -20.40
O3B APC E . -2.82 10.22 -22.09
PA APC E . -7.05 9.29 -21.69
O1A APC E . -6.83 8.88 -20.28
O2A APC E . -7.93 10.62 -21.79
C3A APC E . -5.46 9.59 -22.50
O5' APC E . -7.79 8.08 -22.44
C5' APC E . -8.41 8.29 -23.70
C4' APC E . -8.67 6.93 -24.35
O4' APC E . -7.46 6.17 -24.49
C3' APC E . -9.55 6.03 -23.51
O3' APC E . -10.92 6.31 -23.82
C2' APC E . -9.16 4.63 -23.94
O2' APC E . -10.15 4.10 -24.83
C1' APC E . -7.90 4.84 -24.77
N9 APC E . -6.80 3.90 -24.51
C8 APC E . -6.02 3.35 -25.47
N7 APC E . -5.11 2.52 -24.94
C5 APC E . -5.28 2.53 -23.60
C6 APC E . -4.63 1.86 -22.46
N6 APC E . -3.58 1.03 -22.69
N1 APC E . -5.10 2.13 -21.23
C2 APC E . -6.13 2.98 -21.02
N3 APC E . -6.79 3.61 -22.03
C4 APC E . -6.41 3.43 -23.32
C01 YH7 F . 2.62 13.42 -16.15
C02 YH7 F . 2.64 12.34 -15.32
N03 YH7 F . 1.47 11.44 -15.25
C04 YH7 F . 0.32 11.71 -16.07
N05 YH7 F . 0.30 12.83 -16.93
C06 YH7 F . 1.41 13.68 -17.00
N07 YH7 F . 3.81 14.06 -16.00
C08 YH7 F . 4.55 13.38 -15.09
N09 YH7 F . 3.82 12.31 -14.65
N10 YH7 F . 1.35 14.80 -17.89
S11 YH7 F . -0.99 10.72 -15.99
MG MG G . -5.88 -5.72 12.39
MG MG H . -5.96 -3.74 9.52
PG APC I . -9.10 -5.50 13.00
O1G APC I . -10.12 -6.31 13.79
O2G APC I . -7.71 -5.59 13.53
O3G APC I . -9.56 -4.09 12.70
PB APC I . -8.34 -5.83 10.28
O1B APC I . -7.07 -5.17 10.65
O2B APC I . -8.02 -7.12 9.39
O3B APC I . -9.11 -6.29 11.59
PA APC I . -8.71 -4.15 7.84
O1A APC I . -7.23 -4.21 7.96
O2A APC I . -9.29 -4.98 6.62
C3A APC I . -9.45 -4.73 9.38
O5' APC I . -9.09 -2.59 7.69
C5' APC I . -10.36 -2.15 7.22
C4' APC I . -10.47 -0.66 7.50
O4' APC I . -10.25 -0.37 8.88
C3' APC I . -9.41 0.19 6.81
O3' APC I . -9.85 0.52 5.49
C2' APC I . -9.31 1.42 7.68
O2' APC I . -10.00 2.53 7.10
C1' APC I . -10.09 1.05 8.94
N9 APC I . -9.44 1.41 10.21
C8 APC I . -10.10 1.90 11.29
N7 APC I . -9.24 2.14 12.30
C5 APC I . -8.01 1.78 11.89
C6 APC I . -6.68 1.77 12.48
N6 APC I . -6.51 2.20 13.77
N1 APC I . -5.65 1.34 11.72
C2 APC I . -5.83 0.91 10.46
N3 APC I . -7.03 0.89 9.84
C4 APC I . -8.13 1.31 10.51
C01 YH7 J . -4.29 -12.90 14.61
C02 YH7 J . -3.12 -12.23 14.78
N03 YH7 J . -2.82 -11.04 13.97
C04 YH7 J . -3.77 -10.62 12.98
N05 YH7 J . -5.00 -11.30 12.80
C06 YH7 J . -5.28 -12.43 13.58
N07 YH7 J . -4.31 -13.93 15.50
C08 YH7 J . -3.13 -13.90 16.21
N09 YH7 J . -2.40 -12.84 15.76
N10 YH7 J . -6.53 -13.11 13.38
S11 YH7 J . -3.44 -9.30 12.06
#